data_2PRO
#
_entry.id   2PRO
#
_cell.length_a   47.600
_cell.length_b   54.700
_cell.length_c   64.000
_cell.angle_alpha   104.00
_cell.angle_beta   102.50
_cell.angle_gamma   91.90
#
_symmetry.space_group_name_H-M   'P 1'
#
_entity_poly.entity_id   1
_entity_poly.type   'polypeptide(L)'
_entity_poly.pdbx_seq_one_letter_code
;ADQVDPQLKFAMQRDLGIFPTQLPQYLQTEKLARTQAAAIEREFGAQFAGSWIERNEDGSFKLVAATSGARKSSTLGGVE
VRNVRYSLKQLQSAMEQLDAGANARVKGVSKPLDGVQSWYVDPRSNAVVVKVDDGATDAGVDFVALSGADSAQVRIESSP
GKLQTT
;
_entity_poly.pdbx_strand_id   A,B,C
#
# COMPACT_ATOMS: atom_id res chain seq x y z
N ASP A 5 -13.68 -29.87 28.15
CA ASP A 5 -12.49 -30.44 27.50
C ASP A 5 -12.05 -29.58 26.31
N PRO A 6 -11.90 -28.26 26.50
CA PRO A 6 -11.49 -27.27 25.50
C PRO A 6 -10.44 -27.76 24.53
N GLN A 7 -10.21 -29.06 24.55
CA GLN A 7 -9.28 -29.68 23.64
C GLN A 7 -10.08 -29.88 22.35
N LEU A 8 -11.40 -29.92 22.49
CA LEU A 8 -12.30 -30.06 21.32
C LEU A 8 -12.20 -28.73 20.56
N LYS A 9 -12.59 -27.67 21.27
CA LYS A 9 -12.52 -26.33 20.73
C LYS A 9 -11.13 -26.12 20.14
N PHE A 10 -10.10 -26.17 20.99
CA PHE A 10 -8.72 -25.96 20.53
C PHE A 10 -8.38 -26.80 19.32
N ALA A 11 -8.70 -28.09 19.39
CA ALA A 11 -8.40 -28.99 18.27
C ALA A 11 -9.24 -28.73 17.03
N MET A 12 -10.52 -28.42 17.20
CA MET A 12 -11.31 -28.21 16.01
C MET A 12 -10.79 -27.04 15.22
N GLN A 13 -10.25 -26.06 15.93
CA GLN A 13 -9.67 -24.90 15.25
C GLN A 13 -8.31 -25.44 14.87
N ARG A 14 -7.88 -26.46 15.60
CA ARG A 14 -6.57 -27.02 15.35
C ARG A 14 -6.45 -27.83 14.05
N ASP A 15 -7.51 -28.53 13.62
CA ASP A 15 -7.38 -29.33 12.40
C ASP A 15 -8.48 -29.16 11.38
N LEU A 16 -9.66 -28.80 11.89
CA LEU A 16 -10.84 -28.59 11.06
C LEU A 16 -10.93 -27.13 10.76
N GLY A 17 -10.29 -26.33 11.62
CA GLY A 17 -10.26 -24.90 11.42
C GLY A 17 -11.59 -24.24 11.60
N ILE A 18 -12.30 -24.63 12.65
CA ILE A 18 -13.61 -24.08 12.95
C ILE A 18 -13.87 -24.31 14.44
N PHE A 19 -14.95 -23.74 14.97
CA PHE A 19 -15.22 -23.89 16.39
C PHE A 19 -16.48 -24.67 16.77
N PRO A 20 -16.33 -25.59 17.71
CA PRO A 20 -17.45 -26.41 18.16
C PRO A 20 -18.76 -25.63 18.09
N THR A 21 -18.71 -24.32 18.27
CA THR A 21 -19.93 -23.54 18.19
C THR A 21 -20.30 -23.31 16.71
N GLN A 22 -19.37 -22.72 15.98
CA GLN A 22 -19.58 -22.45 14.58
C GLN A 22 -19.62 -23.73 13.73
N LEU A 23 -20.30 -24.77 14.19
CA LEU A 23 -20.32 -25.95 13.34
C LEU A 23 -21.67 -26.18 12.74
N PRO A 24 -22.69 -26.31 13.58
CA PRO A 24 -24.04 -26.55 13.09
C PRO A 24 -24.38 -25.71 11.85
N GLN A 25 -24.42 -24.40 12.01
CA GLN A 25 -24.73 -23.53 10.89
C GLN A 25 -23.98 -23.89 9.61
N TYR A 26 -22.70 -24.21 9.74
CA TYR A 26 -21.89 -24.58 8.57
C TYR A 26 -22.57 -25.76 7.93
N LEU A 27 -22.83 -26.77 8.73
CA LEU A 27 -23.47 -27.93 8.20
C LEU A 27 -24.88 -27.55 7.59
N GLN A 28 -25.58 -26.65 8.30
CA GLN A 28 -26.90 -26.21 7.84
C GLN A 28 -26.71 -25.71 6.41
N THR A 29 -25.58 -25.07 6.15
CA THR A 29 -25.29 -24.54 4.83
C THR A 29 -24.82 -25.68 3.92
N GLU A 30 -24.10 -26.62 4.53
CA GLU A 30 -23.61 -27.76 3.79
C GLU A 30 -24.85 -28.25 3.14
N LYS A 31 -25.87 -28.53 3.98
CA LYS A 31 -27.17 -29.07 3.56
C LYS A 31 -27.96 -28.24 2.55
N LEU A 32 -27.87 -26.91 2.65
CA LEU A 32 -28.53 -26.00 1.73
C LEU A 32 -27.87 -26.13 0.36
N ALA A 33 -26.56 -26.26 0.28
CA ALA A 33 -25.90 -26.41 -1.03
C ALA A 33 -26.37 -27.64 -1.80
N ARG A 34 -26.25 -28.80 -1.16
CA ARG A 34 -26.65 -30.10 -1.73
C ARG A 34 -27.95 -29.94 -2.52
N THR A 35 -28.94 -29.40 -1.81
CA THR A 35 -30.30 -29.13 -2.29
C THR A 35 -30.42 -28.15 -3.48
N GLN A 36 -30.22 -26.87 -3.20
CA GLN A 36 -30.31 -25.83 -4.23
C GLN A 36 -29.27 -26.09 -5.28
N ALA A 37 -28.66 -27.27 -5.18
CA ALA A 37 -27.61 -27.66 -6.08
C ALA A 37 -28.11 -27.77 -7.51
N ALA A 38 -29.12 -28.61 -7.71
CA ALA A 38 -29.73 -28.84 -9.03
C ALA A 38 -30.37 -27.56 -9.58
N ALA A 39 -31.04 -26.82 -8.70
CA ALA A 39 -31.70 -25.57 -9.04
C ALA A 39 -30.70 -24.54 -9.59
N ILE A 40 -29.89 -23.98 -8.70
CA ILE A 40 -28.86 -22.99 -9.07
C ILE A 40 -28.19 -23.39 -10.42
N GLU A 41 -27.84 -24.67 -10.58
CA GLU A 41 -27.20 -25.07 -11.83
C GLU A 41 -28.10 -24.73 -12.98
N ARG A 42 -29.32 -25.22 -12.90
CA ARG A 42 -30.31 -24.99 -13.94
C ARG A 42 -30.56 -23.50 -14.10
N GLU A 43 -30.90 -22.79 -13.02
CA GLU A 43 -31.22 -21.36 -13.14
C GLU A 43 -30.25 -20.48 -13.86
N PHE A 44 -28.97 -20.81 -13.82
CA PHE A 44 -27.94 -19.97 -14.43
C PHE A 44 -27.52 -20.53 -15.75
N GLY A 45 -27.72 -21.81 -15.90
CA GLY A 45 -27.42 -22.41 -17.16
C GLY A 45 -25.98 -22.69 -17.44
N ALA A 46 -25.47 -22.02 -18.47
CA ALA A 46 -24.10 -22.22 -18.88
C ALA A 46 -23.37 -20.91 -18.69
N GLN A 47 -24.03 -19.99 -18.00
CA GLN A 47 -23.43 -18.71 -17.66
C GLN A 47 -22.87 -19.09 -16.30
N PHE A 48 -23.46 -20.12 -15.74
CA PHE A 48 -23.12 -20.63 -14.42
C PHE A 48 -21.63 -20.77 -14.23
N ALA A 49 -21.10 -19.88 -13.40
CA ALA A 49 -19.66 -19.86 -13.09
C ALA A 49 -19.33 -21.12 -12.32
N GLY A 50 -19.78 -21.16 -11.07
CA GLY A 50 -19.54 -22.32 -10.23
C GLY A 50 -20.14 -21.88 -8.93
N SER A 51 -20.01 -22.66 -7.87
CA SER A 51 -20.55 -22.22 -6.60
C SER A 51 -19.79 -22.80 -5.41
N TRP A 52 -19.70 -22.00 -4.33
CA TRP A 52 -18.98 -22.35 -3.13
C TRP A 52 -19.60 -21.82 -1.84
N ILE A 53 -18.89 -21.95 -0.72
CA ILE A 53 -19.37 -21.48 0.57
C ILE A 53 -18.34 -20.55 1.28
N GLU A 54 -18.73 -19.28 1.48
CA GLU A 54 -17.87 -18.28 2.15
C GLU A 54 -18.28 -17.98 3.56
N ARG A 55 -17.38 -17.32 4.28
CA ARG A 55 -17.62 -16.96 5.66
C ARG A 55 -18.12 -15.50 5.78
N ASN A 56 -18.93 -15.26 6.79
CA ASN A 56 -19.47 -13.95 7.05
C ASN A 56 -18.59 -13.41 8.16
N GLU A 57 -18.29 -12.11 8.12
CA GLU A 57 -17.44 -11.54 9.16
C GLU A 57 -18.00 -12.02 10.47
N ASP A 58 -19.33 -11.99 10.59
CA ASP A 58 -19.97 -12.44 11.82
C ASP A 58 -19.58 -13.88 12.11
N GLY A 59 -18.61 -14.38 11.36
CA GLY A 59 -18.12 -15.73 11.54
C GLY A 59 -19.03 -16.83 11.06
N SER A 60 -20.04 -16.47 10.27
CA SER A 60 -20.98 -17.44 9.75
C SER A 60 -20.65 -17.71 8.29
N PHE A 61 -21.04 -18.88 7.80
CA PHE A 61 -20.75 -19.22 6.42
C PHE A 61 -21.93 -18.84 5.57
N LYS A 62 -21.71 -18.76 4.29
CA LYS A 62 -22.75 -18.35 3.38
C LYS A 62 -22.51 -18.91 1.98
N LEU A 63 -23.50 -19.65 1.44
CA LEU A 63 -23.43 -20.24 0.09
C LEU A 63 -23.52 -19.20 -1.02
N VAL A 64 -22.48 -19.13 -1.86
CA VAL A 64 -22.47 -18.21 -3.01
C VAL A 64 -22.48 -19.04 -4.28
N ALA A 65 -23.20 -18.56 -5.28
CA ALA A 65 -23.31 -19.27 -6.56
C ALA A 65 -22.97 -18.25 -7.60
N ALA A 66 -22.13 -18.58 -8.57
CA ALA A 66 -21.79 -17.54 -9.51
C ALA A 66 -22.18 -17.75 -10.97
N THR A 67 -22.49 -16.63 -11.60
CA THR A 67 -22.93 -16.60 -12.98
C THR A 67 -21.98 -15.75 -13.85
N SER A 68 -21.54 -16.37 -14.93
CA SER A 68 -20.70 -15.73 -15.90
C SER A 68 -21.69 -14.87 -16.68
N GLY A 69 -22.90 -14.78 -16.12
CA GLY A 69 -23.98 -14.00 -16.72
C GLY A 69 -24.16 -12.55 -16.24
N ALA A 70 -25.38 -12.18 -15.83
CA ALA A 70 -25.69 -10.80 -15.42
C ALA A 70 -26.88 -10.64 -14.49
N ARG A 71 -27.61 -11.73 -14.29
CA ARG A 71 -28.74 -11.72 -13.39
C ARG A 71 -28.09 -11.35 -12.07
N LYS A 72 -28.15 -10.07 -11.72
CA LYS A 72 -27.55 -9.56 -10.47
C LYS A 72 -28.20 -10.15 -9.23
N SER A 73 -29.12 -11.08 -9.42
CA SER A 73 -29.82 -11.67 -8.30
C SER A 73 -30.66 -12.87 -8.71
N SER A 74 -31.45 -13.39 -7.78
CA SER A 74 -32.28 -14.55 -8.02
C SER A 74 -33.38 -14.68 -6.98
N THR A 75 -34.19 -15.72 -7.13
CA THR A 75 -35.32 -16.00 -6.23
C THR A 75 -35.08 -17.10 -5.23
N LEU A 76 -34.02 -17.90 -5.40
CA LEU A 76 -33.80 -19.00 -4.46
C LEU A 76 -33.56 -18.56 -3.04
N GLY A 77 -33.62 -19.51 -2.14
CA GLY A 77 -33.41 -19.21 -0.74
C GLY A 77 -31.99 -19.49 -0.31
N GLY A 78 -31.49 -18.63 0.57
CA GLY A 78 -30.13 -18.72 1.07
C GLY A 78 -29.02 -18.74 0.03
N VAL A 79 -29.34 -18.41 -1.21
CA VAL A 79 -28.32 -18.45 -2.24
C VAL A 79 -27.86 -17.03 -2.67
N GLU A 80 -26.65 -16.63 -2.27
CA GLU A 80 -26.14 -15.31 -2.68
C GLU A 80 -25.63 -15.35 -4.13
N VAL A 81 -26.12 -14.47 -4.99
CA VAL A 81 -25.66 -14.54 -6.37
C VAL A 81 -24.50 -13.62 -6.55
N ARG A 82 -23.47 -14.04 -7.30
CA ARG A 82 -22.23 -13.26 -7.52
C ARG A 82 -21.72 -13.42 -8.94
N ASN A 83 -21.97 -12.38 -9.73
CA ASN A 83 -21.62 -12.33 -11.15
C ASN A 83 -20.14 -12.28 -11.46
N VAL A 84 -19.55 -13.44 -11.77
CA VAL A 84 -18.14 -13.44 -12.11
C VAL A 84 -18.02 -13.07 -13.58
N ARG A 85 -16.82 -13.20 -14.14
CA ARG A 85 -16.60 -12.83 -15.53
C ARG A 85 -16.59 -14.00 -16.42
N TYR A 86 -15.64 -14.88 -16.17
CA TYR A 86 -15.52 -16.06 -16.98
C TYR A 86 -16.55 -17.04 -16.47
N SER A 87 -16.82 -18.04 -17.29
CA SER A 87 -17.80 -19.03 -16.95
C SER A 87 -17.14 -20.37 -16.85
N LEU A 88 -17.59 -21.18 -15.89
CA LEU A 88 -17.10 -22.55 -15.76
C LEU A 88 -16.85 -23.13 -17.15
N LYS A 89 -17.71 -22.78 -18.10
CA LYS A 89 -17.52 -23.31 -19.44
C LYS A 89 -16.13 -22.83 -19.86
N GLN A 90 -16.08 -21.61 -20.37
CA GLN A 90 -14.85 -21.00 -20.83
C GLN A 90 -13.66 -21.47 -20.03
N LEU A 91 -13.76 -21.41 -18.71
CA LEU A 91 -12.67 -21.82 -17.85
C LEU A 91 -12.16 -23.20 -18.18
N GLN A 92 -13.06 -24.17 -18.27
CA GLN A 92 -12.67 -25.54 -18.61
C GLN A 92 -11.80 -25.53 -19.87
N SER A 93 -12.22 -24.76 -20.86
CA SER A 93 -11.50 -24.68 -22.13
C SER A 93 -10.03 -24.52 -21.89
N ALA A 94 -9.67 -23.41 -21.22
CA ALA A 94 -8.28 -23.10 -20.90
C ALA A 94 -7.69 -24.38 -20.36
N MET A 95 -8.41 -25.02 -19.43
CA MET A 95 -7.95 -26.26 -18.83
C MET A 95 -7.74 -27.37 -19.85
N GLU A 96 -8.42 -27.27 -21.00
CA GLU A 96 -8.17 -28.24 -22.03
C GLU A 96 -6.72 -27.85 -22.35
N GLN A 97 -6.52 -26.59 -22.76
CA GLN A 97 -5.18 -26.09 -23.11
C GLN A 97 -4.13 -26.38 -22.06
N LEU A 98 -4.41 -26.03 -20.81
CA LEU A 98 -3.46 -26.29 -19.75
C LEU A 98 -3.08 -27.77 -19.73
N ASP A 99 -3.84 -28.58 -20.46
CA ASP A 99 -3.56 -29.99 -20.51
C ASP A 99 -3.04 -30.32 -21.91
N ALA A 100 -3.63 -29.69 -22.92
CA ALA A 100 -3.20 -29.92 -24.30
C ALA A 100 -1.69 -29.81 -24.37
N GLY A 101 -1.19 -28.63 -24.00
CA GLY A 101 0.24 -28.38 -24.02
C GLY A 101 1.05 -28.92 -22.85
N ALA A 102 0.42 -29.65 -21.92
CA ALA A 102 1.16 -30.20 -20.78
C ALA A 102 1.66 -31.62 -21.04
N GLY A 115 8.25 -27.86 -12.59
CA GLY A 115 7.84 -27.12 -11.40
C GLY A 115 6.34 -27.08 -11.14
N VAL A 116 5.54 -27.14 -12.22
CA VAL A 116 4.08 -27.09 -12.20
C VAL A 116 3.31 -28.06 -11.29
N GLN A 117 3.36 -27.84 -9.99
CA GLN A 117 2.69 -28.66 -8.99
C GLN A 117 1.21 -28.95 -9.17
N SER A 118 0.74 -29.11 -10.41
CA SER A 118 -0.68 -29.41 -10.68
C SER A 118 -1.58 -28.19 -10.91
N TRP A 119 -2.30 -28.19 -12.05
CA TRP A 119 -3.26 -27.10 -12.35
C TRP A 119 -4.69 -27.64 -12.22
N TYR A 120 -5.67 -26.78 -12.42
CA TYR A 120 -7.08 -27.17 -12.29
C TYR A 120 -7.99 -25.96 -12.06
N VAL A 121 -9.24 -26.10 -12.53
CA VAL A 121 -10.27 -25.06 -12.39
C VAL A 121 -10.55 -24.76 -10.92
N ASP A 122 -10.98 -23.53 -10.67
CA ASP A 122 -11.35 -23.04 -9.35
C ASP A 122 -12.16 -21.73 -9.47
N PRO A 123 -13.48 -21.84 -9.20
CA PRO A 123 -14.47 -20.76 -9.25
C PRO A 123 -14.46 -19.70 -8.14
N ARG A 124 -13.78 -19.95 -7.02
CA ARG A 124 -13.74 -18.92 -5.96
C ARG A 124 -12.93 -17.73 -6.45
N SER A 125 -11.93 -18.07 -7.27
CA SER A 125 -10.95 -17.14 -7.87
C SER A 125 -11.18 -17.11 -9.36
N ASN A 126 -12.43 -17.27 -9.71
CA ASN A 126 -12.86 -17.29 -11.07
C ASN A 126 -11.89 -17.62 -12.18
N ALA A 127 -11.09 -18.66 -12.01
CA ALA A 127 -10.20 -19.05 -13.07
C ALA A 127 -9.51 -20.36 -12.78
N VAL A 128 -8.69 -20.78 -13.72
CA VAL A 128 -7.94 -22.02 -13.56
C VAL A 128 -6.70 -21.73 -12.72
N VAL A 129 -6.60 -22.38 -11.57
CA VAL A 129 -5.44 -22.17 -10.73
C VAL A 129 -4.29 -23.12 -11.07
N VAL A 130 -3.18 -22.52 -11.50
CA VAL A 130 -1.96 -23.28 -11.84
C VAL A 130 -1.13 -23.31 -10.55
N LYS A 131 -0.60 -24.48 -10.17
CA LYS A 131 0.17 -24.53 -8.95
C LYS A 131 1.62 -24.91 -9.16
N VAL A 132 2.53 -24.06 -8.63
CA VAL A 132 3.96 -24.28 -8.76
C VAL A 132 4.68 -24.16 -7.42
N ASP A 133 5.87 -24.77 -7.36
CA ASP A 133 6.73 -24.78 -6.18
C ASP A 133 7.49 -23.47 -5.98
N ASP A 134 7.52 -22.98 -4.73
CA ASP A 134 8.21 -21.73 -4.45
C ASP A 134 9.48 -21.74 -5.28
N GLY A 135 9.61 -20.73 -6.13
CA GLY A 135 10.77 -20.65 -7.00
C GLY A 135 10.38 -21.21 -8.36
N ALA A 136 9.09 -21.40 -8.56
CA ALA A 136 8.60 -21.94 -9.82
C ALA A 136 7.72 -21.02 -10.66
N THR A 137 7.07 -19.99 -10.07
CA THR A 137 6.19 -19.09 -10.85
C THR A 137 6.74 -18.81 -12.24
N ASP A 138 8.06 -18.91 -12.38
CA ASP A 138 8.67 -18.69 -13.68
C ASP A 138 8.27 -19.89 -14.53
N ALA A 139 8.17 -21.05 -13.90
CA ALA A 139 7.76 -22.27 -14.58
C ALA A 139 6.39 -22.09 -15.25
N GLY A 140 5.41 -21.65 -14.44
CA GLY A 140 4.07 -21.40 -14.92
C GLY A 140 4.05 -20.27 -15.94
N VAL A 141 4.46 -19.08 -15.52
CA VAL A 141 4.44 -17.96 -16.43
C VAL A 141 4.73 -18.55 -17.81
N ASP A 142 5.71 -19.44 -17.82
CA ASP A 142 6.13 -20.13 -19.02
C ASP A 142 5.10 -21.14 -19.46
N PHE A 143 4.93 -22.15 -18.61
CA PHE A 143 3.99 -23.26 -18.81
C PHE A 143 2.70 -22.80 -19.48
N VAL A 144 1.95 -21.94 -18.78
CA VAL A 144 0.69 -21.38 -19.27
C VAL A 144 0.92 -20.71 -20.64
N ALA A 145 2.04 -20.00 -20.75
CA ALA A 145 2.39 -19.29 -21.97
C ALA A 145 2.61 -20.22 -23.19
N LEU A 146 3.08 -21.43 -22.91
CA LEU A 146 3.31 -22.38 -23.98
C LEU A 146 1.95 -23.04 -24.23
N SER A 147 1.24 -23.28 -23.13
CA SER A 147 -0.09 -23.90 -23.11
C SER A 147 -1.16 -23.28 -24.00
N GLY A 148 -0.91 -22.07 -24.49
CA GLY A 148 -1.89 -21.37 -25.31
C GLY A 148 -3.07 -20.85 -24.50
N ALA A 149 -3.00 -20.92 -23.17
CA ALA A 149 -4.08 -20.49 -22.28
C ALA A 149 -4.23 -18.96 -22.03
N ASP A 150 -5.35 -18.38 -22.48
CA ASP A 150 -5.56 -16.94 -22.29
C ASP A 150 -5.34 -16.61 -20.81
N SER A 151 -4.25 -15.91 -20.52
CA SER A 151 -3.87 -15.54 -19.16
C SER A 151 -5.01 -14.96 -18.32
N ALA A 152 -5.92 -14.22 -18.94
CA ALA A 152 -6.99 -13.62 -18.14
C ALA A 152 -7.71 -14.67 -17.34
N GLN A 153 -7.61 -15.93 -17.76
CA GLN A 153 -8.30 -16.98 -17.02
C GLN A 153 -7.37 -17.88 -16.27
N VAL A 154 -6.12 -17.43 -16.11
CA VAL A 154 -5.08 -18.20 -15.41
C VAL A 154 -4.74 -17.58 -14.06
N ARG A 155 -4.19 -18.37 -13.16
CA ARG A 155 -3.85 -17.78 -11.86
C ARG A 155 -2.80 -18.55 -11.03
N ILE A 156 -1.53 -18.30 -11.36
CA ILE A 156 -0.37 -18.97 -10.75
C ILE A 156 -0.34 -18.85 -9.23
N GLU A 157 -0.22 -19.99 -8.58
CA GLU A 157 -0.15 -20.00 -7.13
C GLU A 157 1.18 -20.61 -6.76
N SER A 158 1.53 -20.47 -5.48
CA SER A 158 2.79 -20.99 -5.00
C SER A 158 2.87 -21.03 -3.47
N VAL B 4 12.94 7.17 -20.62
CA VAL B 4 11.63 6.97 -20.02
C VAL B 4 11.28 5.52 -19.96
N ASP B 5 11.12 4.96 -21.15
CA ASP B 5 10.77 3.59 -21.33
C ASP B 5 11.59 2.83 -20.31
N PRO B 6 10.97 1.90 -19.59
CA PRO B 6 11.65 1.10 -18.57
C PRO B 6 12.80 0.26 -19.12
N GLN B 7 12.63 -0.23 -20.35
CA GLN B 7 13.67 -1.02 -20.97
C GLN B 7 14.85 -0.11 -21.33
N LEU B 8 14.58 1.06 -21.89
CA LEU B 8 15.67 1.97 -22.25
C LEU B 8 16.38 2.38 -21.00
N LYS B 9 15.63 2.70 -19.96
CA LYS B 9 16.22 3.14 -18.70
C LYS B 9 17.18 2.13 -18.07
N PHE B 10 17.09 0.90 -18.53
CA PHE B 10 17.90 -0.18 -18.01
C PHE B 10 19.08 -0.56 -18.93
N ALA B 11 18.98 -0.28 -20.21
CA ALA B 11 20.09 -0.61 -21.06
C ALA B 11 21.02 0.58 -20.93
N MET B 12 20.50 1.69 -20.43
CA MET B 12 21.29 2.92 -20.29
C MET B 12 22.06 3.00 -18.96
N GLN B 13 21.82 2.06 -18.06
CA GLN B 13 22.55 2.03 -16.80
C GLN B 13 23.68 1.10 -17.18
N ARG B 14 23.35 -0.15 -17.31
CA ARG B 14 24.36 -1.10 -17.69
C ARG B 14 25.42 -0.43 -18.60
N ASP B 15 25.07 -0.03 -19.81
CA ASP B 15 26.03 0.61 -20.72
C ASP B 15 26.63 1.94 -20.29
N LEU B 16 25.93 2.71 -19.47
CA LEU B 16 26.52 3.99 -19.05
C LEU B 16 27.20 3.71 -17.71
N GLY B 17 27.60 2.47 -17.53
CA GLY B 17 28.21 2.12 -16.29
C GLY B 17 27.44 2.48 -15.03
N ILE B 18 26.31 3.15 -15.06
CA ILE B 18 25.74 3.41 -13.74
C ILE B 18 25.54 2.17 -12.91
N PHE B 19 25.16 1.05 -13.53
CA PHE B 19 24.96 -0.23 -12.82
C PHE B 19 24.72 -1.38 -13.76
N PRO B 20 25.23 -2.57 -13.42
CA PRO B 20 25.07 -3.74 -14.27
C PRO B 20 23.66 -4.40 -14.18
N THR B 21 22.62 -3.66 -14.59
CA THR B 21 21.26 -4.20 -14.55
C THR B 21 21.11 -5.23 -15.68
N GLN B 22 20.52 -6.39 -15.37
CA GLN B 22 20.33 -7.50 -16.33
C GLN B 22 18.95 -7.51 -17.02
N LEU B 23 18.84 -7.07 -18.28
CA LEU B 23 17.53 -7.03 -18.87
C LEU B 23 16.71 -8.31 -18.93
N PRO B 24 17.29 -9.44 -19.36
CA PRO B 24 16.52 -10.68 -19.42
C PRO B 24 15.62 -10.87 -18.20
N GLN B 25 16.20 -11.10 -17.02
CA GLN B 25 15.38 -11.26 -15.82
C GLN B 25 14.25 -10.22 -15.80
N TYR B 26 14.54 -9.04 -16.34
CA TYR B 26 13.57 -8.00 -16.36
C TYR B 26 12.41 -8.44 -17.19
N LEU B 27 12.64 -8.63 -18.49
CA LEU B 27 11.59 -9.05 -19.40
C LEU B 27 10.90 -10.26 -18.84
N GLN B 28 11.68 -11.11 -18.21
CA GLN B 28 11.14 -12.30 -17.59
C GLN B 28 10.06 -11.90 -16.58
N THR B 29 10.41 -10.90 -15.77
CA THR B 29 9.56 -10.32 -14.74
C THR B 29 8.40 -9.54 -15.37
N GLU B 30 8.67 -8.90 -16.50
CA GLU B 30 7.68 -8.14 -17.28
C GLU B 30 6.55 -9.13 -17.52
N LYS B 31 6.91 -10.36 -17.88
CA LYS B 31 5.93 -11.40 -18.14
C LYS B 31 5.10 -11.71 -16.89
N LEU B 32 5.69 -12.42 -15.94
CA LEU B 32 4.98 -12.78 -14.69
C LEU B 32 4.02 -11.68 -14.31
N ALA B 33 4.41 -10.45 -14.61
CA ALA B 33 3.60 -9.27 -14.33
C ALA B 33 2.31 -9.44 -15.14
N ARG B 34 2.47 -9.35 -16.47
CA ARG B 34 1.40 -9.51 -17.46
C ARG B 34 0.47 -10.71 -17.15
N THR B 35 1.08 -11.87 -16.89
CA THR B 35 0.32 -13.10 -16.62
C THR B 35 -0.55 -13.08 -15.37
N GLN B 36 -0.02 -12.54 -14.26
CA GLN B 36 -0.76 -12.51 -13.02
C GLN B 36 -1.58 -11.24 -12.88
N ALA B 37 -1.63 -10.46 -13.96
CA ALA B 37 -2.33 -9.15 -13.99
C ALA B 37 -3.80 -9.22 -13.57
N ALA B 38 -4.64 -9.80 -14.40
CA ALA B 38 -6.03 -9.91 -14.04
C ALA B 38 -6.08 -10.60 -12.71
N ALA B 39 -5.57 -11.84 -12.65
CA ALA B 39 -5.60 -12.58 -11.38
C ALA B 39 -5.37 -11.68 -10.15
N ILE B 40 -4.33 -10.82 -10.21
CA ILE B 40 -4.02 -9.86 -9.12
C ILE B 40 -5.20 -8.90 -8.85
N GLU B 41 -5.57 -8.15 -9.91
CA GLU B 41 -6.67 -7.18 -9.84
C GLU B 41 -7.88 -7.80 -9.15
N ARG B 42 -8.24 -8.98 -9.64
CA ARG B 42 -9.35 -9.73 -9.12
C ARG B 42 -9.22 -10.01 -7.63
N GLU B 43 -8.05 -10.40 -7.16
CA GLU B 43 -7.91 -10.67 -5.73
C GLU B 43 -8.25 -9.47 -4.82
N PHE B 44 -7.43 -8.42 -4.92
CA PHE B 44 -7.58 -7.20 -4.12
C PHE B 44 -8.88 -6.50 -4.55
N GLY B 45 -9.20 -6.63 -5.82
CA GLY B 45 -10.43 -6.02 -6.26
C GLY B 45 -10.58 -4.56 -5.90
N ALA B 46 -11.70 -4.18 -5.30
CA ALA B 46 -11.95 -2.76 -4.97
C ALA B 46 -10.80 -2.12 -4.23
N GLN B 47 -10.23 -2.83 -3.26
CA GLN B 47 -9.13 -2.32 -2.45
C GLN B 47 -7.84 -2.16 -3.24
N PHE B 48 -7.64 -3.02 -4.23
CA PHE B 48 -6.44 -2.98 -5.07
C PHE B 48 -6.00 -1.54 -5.16
N ALA B 49 -4.69 -1.29 -5.05
CA ALA B 49 -4.11 0.07 -5.10
C ALA B 49 -3.04 0.32 -6.17
N GLY B 50 -2.66 -0.72 -6.92
CA GLY B 50 -1.68 -0.59 -7.99
C GLY B 50 -0.57 -1.62 -8.05
N SER B 51 0.15 -1.61 -9.16
CA SER B 51 1.28 -2.52 -9.27
C SER B 51 2.50 -2.04 -10.07
N TRP B 52 3.68 -2.47 -9.65
CA TRP B 52 4.87 -2.04 -10.33
C TRP B 52 6.01 -3.03 -10.11
N ILE B 53 6.99 -3.02 -11.02
CA ILE B 53 8.15 -3.90 -10.91
C ILE B 53 9.25 -3.13 -10.18
N GLU B 54 9.64 -3.59 -9.00
CA GLU B 54 10.72 -2.99 -8.25
C GLU B 54 12.03 -3.79 -8.46
N ARG B 55 13.09 -3.29 -7.82
CA ARG B 55 14.41 -3.90 -7.87
C ARG B 55 14.62 -4.36 -6.46
N ASN B 56 14.91 -5.67 -6.31
CA ASN B 56 15.17 -6.31 -5.03
C ASN B 56 16.59 -5.91 -4.62
N GLU B 57 16.93 -6.11 -3.35
CA GLU B 57 18.26 -5.72 -2.86
C GLU B 57 19.46 -5.90 -3.83
N ASP B 58 19.54 -7.03 -4.52
CA ASP B 58 20.67 -7.20 -5.42
C ASP B 58 20.40 -6.84 -6.85
N GLY B 59 19.85 -5.67 -7.11
CA GLY B 59 19.57 -5.27 -8.48
C GLY B 59 18.55 -6.10 -9.26
N SER B 60 18.20 -7.29 -8.75
CA SER B 60 17.22 -8.20 -9.36
C SER B 60 15.84 -7.55 -9.29
N PHE B 61 14.93 -7.95 -10.19
CA PHE B 61 13.59 -7.34 -10.22
C PHE B 61 12.49 -8.12 -9.53
N LYS B 62 11.59 -7.38 -8.86
CA LYS B 62 10.48 -7.97 -8.13
C LYS B 62 9.14 -7.30 -8.57
N LEU B 63 8.00 -7.99 -8.46
CA LEU B 63 6.70 -7.41 -8.84
C LEU B 63 5.92 -6.99 -7.59
N VAL B 64 5.59 -5.70 -7.47
CA VAL B 64 4.83 -5.27 -6.30
C VAL B 64 3.36 -4.92 -6.63
N ALA B 65 2.44 -5.56 -5.91
CA ALA B 65 1.03 -5.37 -6.11
C ALA B 65 0.53 -4.85 -4.81
N ALA B 66 0.08 -3.61 -4.79
CA ALA B 66 -0.39 -3.00 -3.56
C ALA B 66 -1.86 -3.27 -3.35
N THR B 67 -2.35 -2.86 -2.20
CA THR B 67 -3.73 -3.07 -1.83
C THR B 67 -4.04 -2.22 -0.63
N SER B 68 -5.08 -1.41 -0.69
CA SER B 68 -5.43 -0.60 0.44
C SER B 68 -6.08 -1.55 1.46
N GLY B 69 -5.97 -2.86 1.21
CA GLY B 69 -6.61 -3.80 2.11
C GLY B 69 -5.98 -4.01 3.47
N ALA B 70 -5.42 -5.20 3.66
CA ALA B 70 -4.74 -5.59 4.90
C ALA B 70 -4.30 -7.06 4.89
N ARG B 71 -4.34 -7.67 3.72
CA ARG B 71 -3.92 -9.07 3.58
C ARG B 71 -2.40 -9.08 3.43
N LYS B 72 -1.70 -9.24 4.54
CA LYS B 72 -0.25 -9.25 4.50
C LYS B 72 0.23 -10.28 3.48
N SER B 73 -0.65 -11.21 3.14
CA SER B 73 -0.29 -12.28 2.21
C SER B 73 -1.28 -12.42 1.07
N SER B 74 -0.89 -13.21 0.07
CA SER B 74 -1.66 -13.58 -1.10
C SER B 74 -0.95 -14.81 -1.59
N THR B 75 -1.70 -15.84 -1.97
CA THR B 75 -1.07 -17.05 -2.43
C THR B 75 -0.70 -16.98 -3.89
N LEU B 76 -0.51 -15.79 -4.45
CA LEU B 76 -0.10 -15.74 -5.86
C LEU B 76 1.42 -15.93 -5.99
N GLY B 77 1.84 -16.56 -7.08
CA GLY B 77 3.26 -16.80 -7.31
C GLY B 77 3.96 -15.60 -7.89
N GLY B 78 5.09 -15.26 -7.31
CA GLY B 78 5.86 -14.16 -7.84
C GLY B 78 5.48 -12.75 -7.46
N VAL B 79 4.46 -12.60 -6.59
CA VAL B 79 3.98 -11.27 -6.20
C VAL B 79 4.14 -10.88 -4.76
N GLU B 80 4.65 -9.66 -4.54
CA GLU B 80 4.84 -9.14 -3.19
C GLU B 80 3.76 -8.16 -2.90
N VAL B 81 3.09 -8.36 -1.77
CA VAL B 81 2.00 -7.50 -1.38
C VAL B 81 2.51 -6.27 -0.65
N ARG B 82 2.08 -5.09 -1.11
CA ARG B 82 2.51 -3.87 -0.47
C ARG B 82 1.30 -3.17 0.09
N ASN B 83 0.84 -3.61 1.27
CA ASN B 83 -0.31 -2.99 1.95
C ASN B 83 -0.17 -1.47 2.11
N VAL B 84 -0.77 -0.67 1.25
CA VAL B 84 -0.65 0.76 1.44
C VAL B 84 -1.89 1.43 2.09
N ARG B 85 -1.96 2.76 2.05
CA ARG B 85 -3.04 3.51 2.69
C ARG B 85 -4.34 3.72 1.89
N TYR B 86 -4.22 4.27 0.67
CA TYR B 86 -5.38 4.53 -0.18
C TYR B 86 -5.49 3.60 -1.39
N SER B 87 -6.72 3.21 -1.68
CA SER B 87 -7.04 2.37 -2.81
C SER B 87 -6.84 3.10 -4.16
N LEU B 88 -6.61 2.32 -5.19
CA LEU B 88 -6.43 2.83 -6.50
C LEU B 88 -7.72 3.58 -6.83
N LYS B 89 -8.80 3.26 -6.10
CA LYS B 89 -10.08 3.91 -6.29
C LYS B 89 -9.99 5.32 -5.72
N GLN B 90 -9.99 5.40 -4.38
CA GLN B 90 -9.89 6.66 -3.63
C GLN B 90 -8.98 7.76 -4.27
N LEU B 91 -8.02 7.35 -5.08
CA LEU B 91 -7.17 8.34 -5.73
C LEU B 91 -7.83 8.83 -7.03
N GLN B 92 -8.46 7.92 -7.76
CA GLN B 92 -9.11 8.31 -9.00
C GLN B 92 -10.28 9.26 -8.70
N SER B 93 -10.93 9.06 -7.56
CA SER B 93 -12.00 9.96 -7.13
C SER B 93 -11.27 11.28 -6.92
N ALA B 94 -10.34 11.28 -5.96
CA ALA B 94 -9.52 12.45 -5.61
C ALA B 94 -8.85 13.03 -6.85
N MET B 95 -8.79 12.19 -7.88
CA MET B 95 -8.15 12.54 -9.14
C MET B 95 -9.15 13.32 -10.03
N GLU B 96 -10.41 13.33 -9.67
CA GLU B 96 -11.35 14.10 -10.47
C GLU B 96 -11.57 15.44 -9.77
N GLN B 97 -11.80 15.40 -8.47
CA GLN B 97 -12.02 16.61 -7.70
C GLN B 97 -11.09 17.63 -8.28
N LEU B 98 -9.96 17.12 -8.75
CA LEU B 98 -8.91 17.94 -9.36
C LEU B 98 -9.32 18.07 -10.81
N ASP B 99 -9.51 16.91 -11.43
CA ASP B 99 -9.95 16.83 -12.82
C ASP B 99 -11.22 17.67 -13.01
N ALA B 100 -11.92 17.93 -11.91
CA ALA B 100 -13.15 18.71 -11.93
C ALA B 100 -12.87 20.18 -11.82
N GLY B 101 -12.63 20.64 -10.59
CA GLY B 101 -12.34 22.03 -10.36
C GLY B 101 -11.26 22.59 -11.26
N ALA B 102 -10.73 21.76 -12.14
CA ALA B 102 -9.69 22.19 -13.07
C ALA B 102 -10.26 23.01 -14.22
N GLY B 115 0.66 27.58 -13.41
CA GLY B 115 1.76 26.73 -13.81
C GLY B 115 1.68 25.39 -13.11
N VAL B 116 0.81 24.52 -13.61
CA VAL B 116 0.60 23.18 -13.07
C VAL B 116 0.74 22.24 -14.25
N GLN B 117 1.95 21.74 -14.47
CA GLN B 117 2.22 20.81 -15.58
C GLN B 117 1.13 19.76 -15.75
N SER B 118 0.61 19.22 -14.64
CA SER B 118 -0.42 18.19 -14.71
C SER B 118 -0.61 17.46 -13.40
N TRP B 119 -1.41 16.39 -13.45
CA TRP B 119 -1.61 15.54 -12.28
C TRP B 119 -1.76 14.13 -12.81
N TYR B 120 -1.54 13.14 -11.94
CA TYR B 120 -1.62 11.73 -12.30
C TYR B 120 -1.56 10.89 -11.07
N VAL B 121 -2.30 9.80 -11.04
CA VAL B 121 -2.19 8.97 -9.87
C VAL B 121 -0.75 8.55 -9.98
N ASP B 122 -0.23 7.98 -8.91
CA ASP B 122 1.12 7.46 -8.90
C ASP B 122 1.06 6.40 -7.82
N PRO B 123 0.77 5.15 -8.23
CA PRO B 123 0.66 3.98 -7.34
C PRO B 123 1.90 3.72 -6.52
N ARG B 124 3.05 4.13 -7.03
CA ARG B 124 4.26 3.89 -6.28
C ARG B 124 4.22 4.69 -4.98
N SER B 125 3.90 5.97 -5.08
CA SER B 125 3.88 6.80 -3.90
C SER B 125 2.51 6.91 -3.25
N ASN B 126 1.53 6.20 -3.79
CA ASN B 126 0.15 6.18 -3.24
C ASN B 126 -0.48 7.57 -3.12
N ALA B 127 -0.53 8.28 -4.24
CA ALA B 127 -1.09 9.60 -4.22
C ALA B 127 -1.41 10.15 -5.57
N VAL B 128 -2.42 11.02 -5.63
CA VAL B 128 -2.69 11.66 -6.90
C VAL B 128 -1.45 12.53 -6.83
N VAL B 129 -0.93 13.03 -7.93
CA VAL B 129 0.28 13.84 -7.83
C VAL B 129 0.24 15.04 -8.73
N VAL B 130 -0.17 16.17 -8.19
CA VAL B 130 -0.14 17.38 -9.00
C VAL B 130 1.35 17.62 -9.30
N LYS B 131 1.70 17.98 -10.52
CA LYS B 131 3.09 18.22 -10.82
C LYS B 131 3.25 19.63 -11.36
N VAL B 132 3.60 20.55 -10.48
CA VAL B 132 3.77 21.95 -10.86
C VAL B 132 5.19 22.26 -11.26
N ASP B 133 5.37 23.42 -11.89
CA ASP B 133 6.68 23.86 -12.35
C ASP B 133 7.51 24.49 -11.24
N ASP B 134 8.73 24.89 -11.56
CA ASP B 134 9.56 25.52 -10.55
C ASP B 134 8.96 26.89 -10.24
N GLY B 135 8.72 27.16 -8.96
CA GLY B 135 8.17 28.44 -8.57
C GLY B 135 6.66 28.51 -8.57
N ALA B 136 6.03 27.42 -9.01
CA ALA B 136 4.57 27.35 -9.07
C ALA B 136 4.03 26.39 -8.06
N THR B 137 4.73 26.26 -6.93
CA THR B 137 4.23 25.36 -5.89
C THR B 137 2.87 25.88 -5.39
N ASP B 138 2.77 27.17 -5.12
CA ASP B 138 1.49 27.71 -4.64
C ASP B 138 0.56 27.68 -5.82
N ALA B 139 1.12 27.82 -7.02
CA ALA B 139 0.30 27.77 -8.21
C ALA B 139 -0.51 26.50 -8.01
N GLY B 140 0.17 25.46 -7.48
CA GLY B 140 -0.49 24.17 -7.21
C GLY B 140 -1.08 24.05 -5.82
N VAL B 141 -0.58 24.84 -4.88
CA VAL B 141 -1.08 24.80 -3.51
C VAL B 141 -2.53 25.20 -3.56
N ASP B 142 -2.81 26.15 -4.43
CA ASP B 142 -4.17 26.63 -4.57
C ASP B 142 -4.92 25.61 -5.40
N PHE B 143 -4.43 25.36 -6.63
CA PHE B 143 -5.08 24.40 -7.51
C PHE B 143 -5.65 23.26 -6.70
N VAL B 144 -4.88 22.76 -5.73
CA VAL B 144 -5.47 21.69 -4.95
C VAL B 144 -6.54 22.33 -4.10
N ALA B 145 -6.15 23.09 -3.09
CA ALA B 145 -7.13 23.77 -2.24
C ALA B 145 -8.49 24.00 -2.92
N LEU B 146 -8.48 24.90 -3.91
CA LEU B 146 -9.69 25.20 -4.66
C LEU B 146 -10.20 23.98 -5.42
N SER B 147 -9.96 22.79 -4.88
CA SER B 147 -10.40 21.56 -5.53
C SER B 147 -11.02 20.54 -4.58
N GLY B 148 -10.75 20.67 -3.28
CA GLY B 148 -11.33 19.76 -2.31
C GLY B 148 -10.56 18.48 -2.09
N ALA B 149 -9.72 18.13 -3.06
CA ALA B 149 -8.92 16.92 -2.97
C ALA B 149 -8.11 16.86 -1.67
N ASP B 150 -8.52 15.96 -0.78
CA ASP B 150 -7.84 15.77 0.51
C ASP B 150 -6.33 15.97 0.40
N SER B 151 -5.84 17.01 1.07
CA SER B 151 -4.41 17.35 1.07
C SER B 151 -3.55 16.14 1.31
N ALA B 152 -4.11 15.07 1.87
CA ALA B 152 -3.34 13.85 2.17
C ALA B 152 -3.20 12.81 1.04
N GLN B 153 -4.01 12.93 -0.01
CA GLN B 153 -3.98 11.98 -1.14
C GLN B 153 -3.27 12.57 -2.31
N VAL B 154 -2.92 13.84 -2.21
CA VAL B 154 -2.18 14.51 -3.28
C VAL B 154 -0.68 14.57 -2.94
N ARG B 155 0.10 15.21 -3.80
CA ARG B 155 1.53 15.31 -3.55
C ARG B 155 2.08 16.32 -4.51
N ILE B 156 2.22 17.57 -4.10
CA ILE B 156 2.72 18.60 -5.00
C ILE B 156 4.23 18.57 -5.03
N GLU B 157 4.76 18.12 -6.17
CA GLU B 157 6.19 17.98 -6.40
C GLU B 157 6.57 18.94 -7.47
N SER B 158 7.88 19.12 -7.67
CA SER B 158 8.32 20.03 -8.72
C SER B 158 9.69 19.67 -9.24
N ILE C 18 8.11 51.81 6.43
CA ILE C 18 8.42 50.97 5.28
C ILE C 18 7.67 49.65 5.20
N PHE C 19 7.89 48.95 4.09
CA PHE C 19 7.21 47.69 3.82
C PHE C 19 8.13 46.48 3.84
N PRO C 20 7.71 45.40 4.55
CA PRO C 20 8.53 44.19 4.61
C PRO C 20 8.97 43.70 3.24
N THR C 21 8.40 42.57 2.85
CA THR C 21 8.68 41.88 1.59
C THR C 21 8.77 40.46 2.08
N GLN C 22 9.07 40.34 3.35
CA GLN C 22 9.19 39.07 4.04
C GLN C 22 7.80 38.60 4.48
N LEU C 23 7.03 39.46 5.17
CA LEU C 23 5.68 39.05 5.56
C LEU C 23 5.03 38.34 4.34
N PRO C 24 5.23 38.85 3.13
CA PRO C 24 4.65 38.18 1.98
C PRO C 24 5.06 36.71 1.99
N GLN C 25 6.30 36.41 1.60
CA GLN C 25 6.74 35.00 1.54
C GLN C 25 6.70 34.19 2.83
N TYR C 26 7.05 34.76 3.97
CA TYR C 26 6.96 33.91 5.12
C TYR C 26 5.53 33.41 5.15
N LEU C 27 4.60 34.29 4.88
CA LEU C 27 3.23 33.85 4.86
C LEU C 27 3.19 32.85 3.71
N GLN C 28 3.45 33.32 2.51
CA GLN C 28 3.37 32.43 1.36
C GLN C 28 3.86 31.00 1.65
N THR C 29 4.87 30.88 2.52
CA THR C 29 5.46 29.56 2.90
C THR C 29 4.69 28.80 4.02
N GLU C 30 3.93 29.54 4.81
CA GLU C 30 3.10 28.92 5.83
C GLU C 30 2.02 28.15 5.06
N LYS C 31 1.42 28.84 4.09
CA LYS C 31 0.41 28.21 3.25
C LYS C 31 0.95 26.81 2.96
N LEU C 32 2.07 26.80 2.23
CA LEU C 32 2.80 25.59 1.81
C LEU C 32 2.88 24.62 2.97
N ALA C 33 3.51 25.05 4.05
CA ALA C 33 3.64 24.18 5.20
C ALA C 33 2.38 23.43 5.45
N ARG C 34 1.27 24.15 5.48
CA ARG C 34 -0.03 23.54 5.78
C ARG C 34 -0.48 22.52 4.74
N THR C 35 -0.24 22.81 3.47
CA THR C 35 -0.61 21.84 2.45
C THR C 35 0.26 20.60 2.56
N GLN C 36 1.56 20.74 2.26
CA GLN C 36 2.50 19.62 2.28
C GLN C 36 2.55 18.84 3.58
N ALA C 37 1.93 19.35 4.63
CA ALA C 37 1.95 18.65 5.89
C ALA C 37 1.76 17.13 5.73
N ALA C 38 0.56 16.68 5.40
CA ALA C 38 0.33 15.25 5.27
C ALA C 38 1.33 14.46 4.40
N ALA C 39 1.77 15.02 3.29
CA ALA C 39 2.70 14.27 2.43
C ALA C 39 3.99 14.11 3.19
N ILE C 40 4.46 15.18 3.80
CA ILE C 40 5.67 15.09 4.56
C ILE C 40 5.50 14.06 5.70
N GLU C 41 4.50 14.18 6.56
CA GLU C 41 4.43 13.20 7.63
C GLU C 41 4.34 11.81 7.00
N ARG C 42 3.75 11.79 5.79
CA ARG C 42 3.48 10.57 5.01
C ARG C 42 4.76 9.91 4.54
N GLU C 43 5.53 10.61 3.71
CA GLU C 43 6.81 10.14 3.16
C GLU C 43 7.81 9.65 4.22
N PHE C 44 8.35 10.56 5.02
CA PHE C 44 9.33 10.22 6.07
C PHE C 44 8.87 9.20 7.09
N GLY C 45 7.72 8.63 6.83
CA GLY C 45 7.27 7.59 7.73
C GLY C 45 7.51 7.86 9.18
N ALA C 46 8.28 7.01 9.85
CA ALA C 46 8.49 7.26 11.26
C ALA C 46 9.72 8.11 11.47
N GLN C 47 10.76 7.89 10.68
CA GLN C 47 11.99 8.67 10.78
C GLN C 47 11.67 10.15 10.59
N PHE C 48 10.40 10.49 10.69
CA PHE C 48 9.99 11.88 10.55
C PHE C 48 10.47 12.57 11.81
N ALA C 49 11.31 13.59 11.64
CA ALA C 49 11.85 14.34 12.76
C ALA C 49 11.01 15.58 13.07
N GLY C 50 10.41 16.15 12.06
CA GLY C 50 9.58 17.31 12.32
C GLY C 50 9.81 18.35 11.27
N SER C 51 9.11 19.48 11.36
CA SER C 51 9.29 20.54 10.40
C SER C 51 9.22 21.92 11.04
N TRP C 52 9.72 22.92 10.34
CA TRP C 52 9.73 24.31 10.83
C TRP C 52 10.16 25.10 9.59
N ILE C 53 10.15 26.43 9.64
CA ILE C 53 10.51 27.23 8.48
C ILE C 53 11.79 27.96 8.85
N GLU C 54 12.67 28.27 7.90
CA GLU C 54 13.92 28.94 8.29
C GLU C 54 14.22 30.17 7.51
N ARG C 55 14.91 31.13 8.16
CA ARG C 55 15.27 32.42 7.57
C ARG C 55 16.32 32.45 6.46
N ASN C 56 16.28 31.42 5.64
CA ASN C 56 17.06 31.20 4.45
C ASN C 56 18.09 32.24 4.08
N GLU C 57 19.09 32.51 4.92
CA GLU C 57 20.11 33.50 4.55
C GLU C 57 19.66 34.85 3.96
N ASP C 58 19.45 34.88 2.65
CA ASP C 58 19.04 36.08 1.92
C ASP C 58 17.71 36.70 2.36
N GLY C 59 17.24 36.37 3.56
CA GLY C 59 15.98 36.91 4.03
C GLY C 59 14.81 35.99 3.76
N SER C 60 14.73 35.49 2.52
CA SER C 60 13.69 34.57 2.07
C SER C 60 13.58 33.51 3.12
N PHE C 61 12.43 32.83 3.19
CA PHE C 61 12.27 31.74 4.16
C PHE C 61 12.27 30.46 3.37
N LYS C 62 12.26 29.32 4.05
CA LYS C 62 12.26 28.05 3.31
C LYS C 62 11.71 26.91 4.15
N LEU C 63 10.81 26.10 3.59
CA LEU C 63 10.21 24.97 4.31
C LEU C 63 11.25 23.87 4.51
N VAL C 64 11.38 23.33 5.73
CA VAL C 64 12.36 22.28 6.01
C VAL C 64 11.70 21.10 6.74
N ALA C 65 11.81 19.91 6.15
CA ALA C 65 11.23 18.66 6.66
C ALA C 65 12.38 17.81 7.13
N ALA C 66 12.45 17.48 8.40
CA ALA C 66 13.60 16.73 8.82
C ALA C 66 13.30 15.29 9.08
N THR C 67 14.11 14.42 8.46
CA THR C 67 14.01 12.96 8.55
C THR C 67 15.19 12.41 9.35
N SER C 68 14.96 11.35 10.11
CA SER C 68 16.01 10.73 10.91
C SER C 68 16.41 9.46 10.19
N GLY C 69 16.69 9.61 8.89
CA GLY C 69 17.05 8.49 8.03
C GLY C 69 17.78 8.98 6.79
N ALA C 70 18.43 8.04 6.12
CA ALA C 70 19.27 8.29 4.94
C ALA C 70 18.84 9.34 3.93
N ARG C 71 17.53 9.52 3.78
CA ARG C 71 16.99 10.46 2.77
C ARG C 71 17.60 11.88 2.64
N LYS C 72 18.20 12.12 1.48
CA LYS C 72 18.83 13.39 1.14
C LYS C 72 17.84 14.41 0.62
N SER C 73 17.14 14.06 -0.46
CA SER C 73 16.16 14.95 -1.06
C SER C 73 14.76 14.35 -1.01
N SER C 74 13.78 15.20 -1.30
CA SER C 74 12.37 14.79 -1.33
C SER C 74 11.78 15.42 -2.57
N THR C 75 11.27 14.59 -3.45
CA THR C 75 10.69 15.06 -4.71
C THR C 75 9.63 16.18 -4.49
N LEU C 76 9.13 16.29 -3.25
CA LEU C 76 8.08 17.26 -2.86
C LEU C 76 8.52 18.68 -3.14
N GLY C 77 7.77 19.41 -3.96
CA GLY C 77 8.15 20.78 -4.25
C GLY C 77 8.17 21.65 -3.01
N GLY C 78 9.17 22.49 -2.87
CA GLY C 78 9.23 23.35 -1.71
C GLY C 78 9.78 22.75 -0.44
N VAL C 79 9.82 21.43 -0.33
CA VAL C 79 10.33 20.85 0.89
C VAL C 79 11.83 20.53 0.86
N GLU C 80 12.62 21.16 1.75
CA GLU C 80 14.05 20.91 1.79
C GLU C 80 14.40 20.01 2.93
N VAL C 81 14.94 18.84 2.59
CA VAL C 81 15.29 17.86 3.62
C VAL C 81 16.55 18.24 4.41
N ARG C 82 16.52 17.82 5.66
CA ARG C 82 17.54 18.07 6.62
C ARG C 82 17.63 16.76 7.38
N ASN C 83 18.71 16.01 7.19
CA ASN C 83 18.85 14.74 7.89
C ASN C 83 19.34 15.01 9.31
N VAL C 84 18.67 14.41 10.28
CA VAL C 84 19.00 14.59 11.69
C VAL C 84 19.19 13.26 12.44
N ARG C 85 19.51 13.31 13.72
CA ARG C 85 19.77 12.09 14.45
C ARG C 85 18.57 11.29 14.80
N TYR C 86 17.71 11.89 15.60
CA TYR C 86 16.48 11.25 16.07
C TYR C 86 15.21 11.63 15.29
N SER C 87 14.25 10.74 15.40
CA SER C 87 12.94 10.85 14.76
C SER C 87 12.01 11.29 15.88
N LEU C 88 11.07 12.20 15.62
CA LEU C 88 10.17 12.62 16.68
C LEU C 88 9.88 11.35 17.48
N LYS C 89 9.88 10.21 16.76
CA LYS C 89 9.60 8.92 17.38
C LYS C 89 10.49 8.66 18.57
N GLN C 90 11.81 8.63 18.35
CA GLN C 90 12.78 8.35 19.42
C GLN C 90 12.74 9.34 20.58
N LEU C 91 12.66 10.63 20.28
CA LEU C 91 12.61 11.60 21.35
C LEU C 91 11.39 11.44 22.26
N GLN C 92 10.25 11.10 21.67
CA GLN C 92 9.01 10.93 22.44
C GLN C 92 9.23 9.85 23.48
N SER C 93 10.14 8.92 23.18
CA SER C 93 10.47 7.87 24.12
C SER C 93 11.29 8.47 25.27
N ALA C 94 12.34 9.24 24.96
CA ALA C 94 13.15 9.84 26.02
C ALA C 94 12.22 10.68 26.87
N MET C 95 11.39 11.44 26.17
CA MET C 95 10.43 12.34 26.79
C MET C 95 9.62 11.58 27.81
N GLU C 96 9.22 10.36 27.47
CA GLU C 96 8.47 9.54 28.42
C GLU C 96 9.40 9.21 29.60
N GLN C 97 10.63 8.78 29.28
CA GLN C 97 11.62 8.47 30.32
C GLN C 97 11.61 9.60 31.34
N LEU C 98 11.84 10.82 30.86
CA LEU C 98 11.83 11.98 31.75
C LEU C 98 10.55 11.91 32.59
N ASP C 99 9.43 11.60 31.95
CA ASP C 99 8.14 11.51 32.62
C ASP C 99 8.11 10.44 33.69
N ALA C 100 8.63 9.26 33.33
CA ALA C 100 8.71 8.09 34.21
C ALA C 100 9.45 8.44 35.48
N GLY C 101 10.54 9.20 35.32
CA GLY C 101 11.34 9.62 36.45
C GLY C 101 10.70 10.73 37.24
N ALA C 102 9.96 11.60 36.56
CA ALA C 102 9.30 12.72 37.21
C ALA C 102 7.90 12.30 37.65
N GLY C 115 13.79 23.31 40.56
CA GLY C 115 14.22 24.35 39.65
C GLY C 115 13.86 24.01 38.22
N VAL C 116 13.18 22.89 38.07
CA VAL C 116 12.77 22.44 36.75
C VAL C 116 11.42 23.02 36.39
N GLN C 117 11.35 23.64 35.23
CA GLN C 117 10.08 24.21 34.76
C GLN C 117 9.34 23.14 33.93
N SER C 118 9.97 22.61 32.88
CA SER C 118 9.31 21.61 32.06
C SER C 118 10.09 21.03 30.89
N TRP C 119 10.08 19.72 30.74
CA TRP C 119 10.73 19.11 29.60
C TRP C 119 9.77 19.37 28.42
N TYR C 120 10.11 18.95 27.20
CA TYR C 120 9.24 19.14 26.03
C TYR C 120 9.99 19.09 24.72
N VAL C 121 9.71 18.11 23.88
CA VAL C 121 10.37 17.99 22.58
C VAL C 121 10.56 19.32 21.83
N ASP C 122 11.47 19.32 20.86
CA ASP C 122 11.79 20.50 20.05
C ASP C 122 12.55 20.07 18.80
N PRO C 123 11.86 19.91 17.66
CA PRO C 123 12.43 19.52 16.36
C PRO C 123 13.57 20.36 15.79
N ARG C 124 13.49 21.67 15.94
CA ARG C 124 14.54 22.54 15.41
C ARG C 124 15.92 22.15 15.92
N SER C 125 15.97 21.84 17.22
CA SER C 125 17.21 21.48 17.87
C SER C 125 17.23 19.99 18.22
N ASN C 126 16.59 19.20 17.35
CA ASN C 126 16.47 17.74 17.46
C ASN C 126 16.67 17.13 18.81
N ALA C 127 15.97 17.59 19.83
CA ALA C 127 16.16 17.01 21.13
C ALA C 127 15.07 17.35 22.08
N VAL C 128 14.98 16.56 23.14
CA VAL C 128 14.01 16.83 24.18
C VAL C 128 14.66 18.01 24.88
N VAL C 129 13.90 18.84 25.57
CA VAL C 129 14.49 20.01 26.21
C VAL C 129 14.06 20.21 27.65
N VAL C 130 14.88 19.79 28.60
CA VAL C 130 14.51 19.99 29.99
C VAL C 130 14.79 21.46 30.27
N LYS C 131 13.77 22.21 30.71
CA LYS C 131 13.95 23.62 31.03
C LYS C 131 13.85 23.84 32.55
N VAL C 132 14.90 24.47 33.08
CA VAL C 132 15.06 24.73 34.50
C VAL C 132 15.23 26.21 34.69
N ASP C 133 14.97 26.71 35.91
CA ASP C 133 15.09 28.14 36.19
C ASP C 133 16.51 28.46 36.57
N ASP C 134 16.81 29.75 36.66
CA ASP C 134 18.15 30.17 37.00
C ASP C 134 18.76 29.42 38.16
N GLY C 135 19.98 28.95 37.92
CA GLY C 135 20.72 28.17 38.90
C GLY C 135 20.27 26.72 39.06
N ALA C 136 19.31 26.26 38.28
CA ALA C 136 18.85 24.90 38.46
C ALA C 136 19.36 23.85 37.50
N THR C 137 20.34 24.15 36.63
CA THR C 137 20.79 23.07 35.72
C THR C 137 21.16 21.89 36.57
N ASP C 138 21.60 22.20 37.78
CA ASP C 138 21.97 21.16 38.73
C ASP C 138 20.75 20.27 38.88
N ALA C 139 19.58 20.89 38.81
CA ALA C 139 18.30 20.23 38.96
C ALA C 139 17.97 19.41 37.72
N GLY C 140 18.25 19.99 36.56
CA GLY C 140 17.95 19.26 35.35
C GLY C 140 18.80 18.00 35.25
N VAL C 141 20.10 18.23 35.37
CA VAL C 141 21.18 17.24 35.34
C VAL C 141 20.94 16.02 36.25
N ASP C 142 20.53 16.28 37.48
CA ASP C 142 20.25 15.17 38.33
C ASP C 142 18.97 14.53 37.81
N PHE C 143 17.98 15.34 37.40
CA PHE C 143 16.69 14.83 36.87
C PHE C 143 16.81 13.89 35.67
N VAL C 144 17.60 14.28 34.69
CA VAL C 144 17.84 13.45 33.50
C VAL C 144 18.55 12.14 33.91
N ALA C 145 18.80 12.03 35.22
CA ALA C 145 19.49 10.88 35.82
C ALA C 145 18.44 9.96 36.40
N LEU C 146 17.72 10.48 37.38
CA LEU C 146 16.61 9.75 37.99
C LEU C 146 15.60 9.66 36.85
N SER C 147 16.11 9.51 35.63
CA SER C 147 15.29 9.45 34.43
C SER C 147 15.72 8.36 33.47
N GLY C 148 17.03 8.17 33.36
CA GLY C 148 17.56 7.16 32.47
C GLY C 148 17.45 7.55 31.02
N ALA C 149 17.57 8.85 30.75
CA ALA C 149 17.45 9.33 29.39
C ALA C 149 18.80 9.58 28.71
N ASP C 150 19.10 8.85 27.62
CA ASP C 150 20.36 9.07 26.91
C ASP C 150 20.47 10.58 26.79
N SER C 151 21.41 11.14 27.52
CA SER C 151 21.60 12.57 27.52
C SER C 151 21.96 13.14 26.15
N ALA C 152 22.21 12.32 25.16
CA ALA C 152 22.50 12.94 23.88
C ALA C 152 21.15 13.46 23.37
N GLN C 153 20.10 12.83 23.89
CA GLN C 153 18.70 13.12 23.57
C GLN C 153 18.13 14.35 24.30
N VAL C 154 18.82 14.84 25.31
CA VAL C 154 18.32 16.01 25.98
C VAL C 154 19.06 17.32 25.65
N ARG C 155 18.80 18.34 26.45
CA ARG C 155 19.41 19.62 26.25
C ARG C 155 18.92 20.54 27.31
N ILE C 156 19.56 20.55 28.48
CA ILE C 156 19.11 21.44 29.55
C ILE C 156 19.20 22.93 29.22
N GLU C 157 18.14 23.67 29.55
CA GLU C 157 18.11 25.09 29.27
C GLU C 157 17.69 25.88 30.45
N SER C 158 17.97 27.16 30.34
CA SER C 158 17.66 28.12 31.37
C SER C 158 17.26 29.44 30.71
#